data_3TO0
#
_entry.id   3TO0
#
_cell.length_a   87.270
_cell.length_b   87.270
_cell.length_c   62.725
_cell.angle_alpha   90.00
_cell.angle_beta   90.00
_cell.angle_gamma   120.00
#
_symmetry.space_group_name_H-M   'P 31'
#
loop_
_entity.id
_entity.type
_entity.pdbx_description
1 polymer 'Iodotyrosine deiodinase 1'
2 non-polymer 'FLAVIN MONONUCLEOTIDE'
3 non-polymer 'PHOSPHATE ION'
4 non-polymer 'ACETATE ION'
5 water water
#
_entity_poly.entity_id   1
_entity_poly.type   'polypeptide(L)'
_entity_poly.pdbx_seq_one_letter_code
;MAQVQPWVDEDLKDSTEDLQVEEDAEEWQEAEESVEHIPFSHTRYPEQEMRMRSQEFYELLNKRRSVRFISSEHVPMEVI
ENVIKAAGTAPSGAHTEPWTFVVVKDPDMKHKIREIIEEEEEINYMKRMGKRWVTDLKKLRTNWIKEYLDTAPVLILIFK
QVHGFAANGKKKVHYYNEISVSIAAGLLLAALQNAGLVTVTTTPLNAGPRLRVLLGRPSHEKLLVLLPVGYPSRDATVPD
LKRKALDQIMVTVHHHHHH
;
_entity_poly.pdbx_strand_id   A,B
#
# COMPACT_ATOMS: atom_id res chain seq x y z
N GLU A 36 -22.75 13.99 11.02
CA GLU A 36 -21.52 13.29 11.41
C GLU A 36 -21.40 11.94 10.66
N HIS A 37 -22.50 11.22 10.52
CA HIS A 37 -22.53 9.94 9.80
C HIS A 37 -23.50 9.98 8.66
N ILE A 38 -23.01 9.99 7.43
CA ILE A 38 -23.88 10.04 6.25
C ILE A 38 -24.01 8.65 5.64
N PRO A 39 -25.06 8.45 4.82
CA PRO A 39 -25.14 7.18 4.12
C PRO A 39 -23.99 7.07 3.16
N PHE A 40 -23.61 5.84 2.84
CA PHE A 40 -22.41 5.57 2.07
C PHE A 40 -22.75 5.10 0.68
N SER A 41 -22.09 5.71 -0.31
CA SER A 41 -22.42 5.48 -1.71
C SER A 41 -21.44 4.52 -2.43
N HIS A 42 -21.97 3.39 -2.86
CA HIS A 42 -21.12 2.36 -3.40
C HIS A 42 -21.35 2.27 -4.91
N THR A 43 -20.33 1.73 -5.59
CA THR A 43 -20.42 1.33 -6.99
C THR A 43 -20.29 -0.19 -7.03
N ARG A 44 -21.39 -0.90 -7.29
CA ARG A 44 -21.30 -2.37 -7.29
C ARG A 44 -21.22 -2.91 -8.73
N TYR A 45 -20.25 -3.79 -9.00
CA TYR A 45 -20.13 -4.36 -10.34
C TYR A 45 -20.65 -5.76 -10.31
N PRO A 46 -21.26 -6.18 -11.41
CA PRO A 46 -21.68 -7.57 -11.62
C PRO A 46 -20.50 -8.54 -11.40
N GLU A 47 -20.77 -9.71 -10.87
CA GLU A 47 -19.67 -10.57 -10.50
C GLU A 47 -18.68 -10.76 -11.65
N GLN A 48 -19.17 -10.98 -12.87
CA GLN A 48 -18.26 -11.17 -13.99
C GLN A 48 -17.24 -10.04 -14.10
N GLU A 49 -17.71 -8.80 -14.13
CA GLU A 49 -16.83 -7.64 -14.17
C GLU A 49 -15.92 -7.49 -12.94
N MET A 50 -16.34 -7.98 -11.78
CA MET A 50 -15.51 -7.89 -10.59
C MET A 50 -14.34 -8.84 -10.80
N ARG A 51 -14.62 -10.01 -11.36
CA ARG A 51 -13.53 -10.93 -11.71
C ARG A 51 -12.56 -10.28 -12.68
N MET A 52 -13.11 -9.73 -13.75
CA MET A 52 -12.34 -9.17 -14.84
C MET A 52 -11.49 -7.97 -14.40
N ARG A 53 -12.09 -7.06 -13.61
CA ARG A 53 -11.41 -5.85 -13.13
C ARG A 53 -10.27 -6.27 -12.21
N SER A 54 -10.55 -7.26 -11.37
CA SER A 54 -9.57 -7.67 -10.39
C SER A 54 -8.43 -8.42 -11.08
N GLN A 55 -8.76 -9.22 -12.09
CA GLN A 55 -7.73 -9.92 -12.86
C GLN A 55 -6.79 -8.87 -13.45
N GLU A 56 -7.35 -7.95 -14.23
CA GLU A 56 -6.54 -6.97 -14.94
C GLU A 56 -5.70 -6.11 -14.03
N PHE A 57 -6.22 -5.80 -12.86
CA PHE A 57 -5.48 -4.98 -11.93
C PHE A 57 -4.28 -5.79 -11.46
N TYR A 58 -4.53 -7.05 -11.15
CA TYR A 58 -3.45 -7.92 -10.74
C TYR A 58 -2.37 -7.96 -11.81
N GLU A 59 -2.80 -8.08 -13.08
CA GLU A 59 -1.90 -8.13 -14.26
C GLU A 59 -1.04 -6.88 -14.38
N LEU A 60 -1.66 -5.74 -14.04
CA LEU A 60 -1.06 -4.44 -14.09
C LEU A 60 0.05 -4.33 -13.01
N LEU A 61 -0.30 -4.60 -11.77
CA LEU A 61 0.65 -4.50 -10.67
C LEU A 61 1.79 -5.50 -10.72
N ASN A 62 1.50 -6.68 -11.22
CA ASN A 62 2.50 -7.73 -11.36
C ASN A 62 3.51 -7.36 -12.40
N LYS A 63 3.21 -6.37 -13.22
CA LYS A 63 4.24 -5.93 -14.13
C LYS A 63 5.26 -5.03 -13.39
N ARG A 64 4.93 -4.61 -12.17
CA ARG A 64 5.80 -3.73 -11.42
C ARG A 64 7.07 -4.41 -11.01
N ARG A 65 8.19 -3.68 -11.11
CA ARG A 65 9.49 -4.14 -10.63
C ARG A 65 10.33 -2.97 -10.15
N SER A 66 11.00 -3.11 -9.00
CA SER A 66 11.94 -2.07 -8.55
C SER A 66 13.00 -1.89 -9.60
N VAL A 67 13.18 -0.67 -10.05
CA VAL A 67 14.15 -0.38 -11.10
C VAL A 67 15.23 0.55 -10.57
N ARG A 68 16.48 0.14 -10.69
CA ARG A 68 17.54 0.89 -10.07
C ARG A 68 18.37 1.63 -11.09
N PHE A 69 17.82 1.76 -12.29
CA PHE A 69 18.45 2.50 -13.37
C PHE A 69 17.41 3.41 -13.97
N ILE A 70 17.52 4.69 -13.67
CA ILE A 70 16.41 5.61 -13.96
C ILE A 70 16.80 6.83 -14.80
N SER A 71 16.06 7.03 -15.88
CA SER A 71 16.48 8.04 -16.83
C SER A 71 16.37 9.39 -16.19
N SER A 72 17.09 10.36 -16.74
CA SER A 72 16.98 11.72 -16.26
C SER A 72 15.77 12.45 -16.87
N GLU A 73 14.93 11.74 -17.61
CA GLU A 73 13.90 12.41 -18.44
C GLU A 73 12.77 13.04 -17.65
N HIS A 74 12.49 14.34 -17.87
CA HIS A 74 11.42 15.02 -17.15
C HIS A 74 10.20 14.13 -17.12
N VAL A 75 9.50 14.12 -15.99
CA VAL A 75 8.15 13.53 -15.93
C VAL A 75 7.08 14.53 -15.52
N PRO A 76 5.83 14.27 -15.92
CA PRO A 76 4.93 15.39 -15.73
C PRO A 76 4.66 15.63 -14.26
N MET A 77 4.66 16.88 -13.83
CA MET A 77 4.31 17.19 -12.45
C MET A 77 2.86 16.85 -12.12
N GLU A 78 1.97 16.91 -13.10
CA GLU A 78 0.57 16.53 -12.86
C GLU A 78 0.49 15.06 -12.49
N VAL A 79 1.44 14.26 -12.95
CA VAL A 79 1.33 12.84 -12.68
C VAL A 79 1.91 12.60 -11.31
N ILE A 80 2.99 13.30 -11.04
CA ILE A 80 3.54 13.24 -9.70
C ILE A 80 2.47 13.61 -8.66
N GLU A 81 1.90 14.81 -8.78
CA GLU A 81 0.76 15.18 -7.95
C GLU A 81 -0.35 14.12 -7.87
N ASN A 82 -0.76 13.56 -9.00
CA ASN A 82 -1.83 12.55 -9.00
C ASN A 82 -1.53 11.30 -8.16
N VAL A 83 -0.29 10.79 -8.23
CA VAL A 83 0.05 9.60 -7.49
C VAL A 83 0.12 9.91 -6.00
N ILE A 84 0.53 11.13 -5.69
CA ILE A 84 0.51 11.53 -4.29
C ILE A 84 -0.92 11.72 -3.77
N LYS A 85 -1.76 12.37 -4.57
CA LYS A 85 -3.18 12.43 -4.25
C LYS A 85 -3.65 11.01 -4.00
N ALA A 86 -3.23 10.05 -4.82
CA ALA A 86 -3.72 8.68 -4.65
C ALA A 86 -3.28 8.17 -3.31
N ALA A 87 -2.00 8.39 -3.01
CA ALA A 87 -1.42 7.87 -1.79
C ALA A 87 -2.10 8.48 -0.59
N GLY A 88 -2.50 9.75 -0.69
CA GLY A 88 -3.26 10.41 0.36
C GLY A 88 -4.66 9.82 0.65
N THR A 89 -5.15 8.89 -0.17
CA THR A 89 -6.45 8.29 0.08
C THR A 89 -6.37 7.10 1.03
N ALA A 90 -5.17 6.76 1.45
CA ALA A 90 -5.02 5.70 2.42
C ALA A 90 -5.89 5.89 3.67
N PRO A 91 -6.27 4.77 4.30
CA PRO A 91 -6.84 4.76 5.64
C PRO A 91 -5.72 5.11 6.61
N SER A 92 -6.10 5.64 7.76
CA SER A 92 -5.13 5.99 8.76
C SER A 92 -5.75 5.73 10.12
N GLY A 93 -4.97 5.09 10.99
CA GLY A 93 -5.36 4.98 12.37
C GLY A 93 -5.89 6.31 12.91
N ALA A 94 -7.09 6.26 13.52
CA ALA A 94 -7.74 7.46 14.07
C ALA A 94 -7.81 8.60 13.07
N HIS A 95 -7.76 8.27 11.79
CA HIS A 95 -7.88 9.35 10.83
C HIS A 95 -6.83 10.48 11.00
N THR A 96 -5.66 10.15 11.54
CA THR A 96 -4.55 11.11 11.63
C THR A 96 -3.91 11.52 10.30
N GLU A 97 -4.13 10.74 9.24
CA GLU A 97 -3.61 11.11 7.92
C GLU A 97 -2.18 11.61 8.02
N PRO A 98 -1.37 10.95 8.86
CA PRO A 98 -0.10 11.47 9.31
C PRO A 98 1.02 11.23 8.30
N TRP A 99 0.92 11.77 7.10
CA TRP A 99 1.97 11.54 6.12
C TRP A 99 2.35 12.88 5.55
N THR A 100 3.65 13.05 5.25
CA THR A 100 4.11 14.23 4.53
C THR A 100 4.92 13.73 3.36
N PHE A 101 4.57 14.19 2.15
CA PHE A 101 5.22 13.79 0.89
C PHE A 101 6.09 14.91 0.42
N VAL A 102 7.41 14.72 0.55
CA VAL A 102 8.36 15.80 0.24
C VAL A 102 8.85 15.54 -1.18
N VAL A 103 8.57 16.46 -2.09
CA VAL A 103 9.04 16.29 -3.44
C VAL A 103 10.31 17.08 -3.67
N VAL A 104 11.38 16.37 -4.02
CA VAL A 104 12.67 16.98 -4.31
C VAL A 104 12.93 16.92 -5.80
N LYS A 105 13.25 18.06 -6.40
CA LYS A 105 13.58 18.06 -7.82
C LYS A 105 14.93 18.74 -8.10
N ASP A 106 15.29 19.72 -7.28
CA ASP A 106 16.60 20.38 -7.38
C ASP A 106 17.77 19.40 -7.49
N PRO A 107 18.53 19.47 -8.58
CA PRO A 107 19.65 18.54 -8.77
C PRO A 107 20.62 18.58 -7.61
N ASP A 108 20.84 19.77 -7.09
CA ASP A 108 21.72 19.90 -5.94
C ASP A 108 21.17 19.19 -4.74
N MET A 109 19.91 19.47 -4.40
CA MET A 109 19.34 18.86 -3.23
C MET A 109 19.46 17.34 -3.34
N LYS A 110 19.27 16.82 -4.54
CA LYS A 110 19.25 15.38 -4.74
C LYS A 110 20.64 14.84 -4.46
N HIS A 111 21.64 15.61 -4.82
CA HIS A 111 22.96 15.15 -4.57
C HIS A 111 23.25 15.14 -3.08
N LYS A 112 22.81 16.17 -2.36
CA LYS A 112 23.18 16.23 -0.94
C LYS A 112 22.52 15.02 -0.26
N ILE A 113 21.28 14.76 -0.63
CA ILE A 113 20.62 13.56 -0.20
C ILE A 113 21.42 12.31 -0.50
N ARG A 114 21.94 12.21 -1.72
CA ARG A 114 22.76 11.05 -2.08
C ARG A 114 23.94 10.92 -1.11
N GLU A 115 24.60 12.04 -0.82
CA GLU A 115 25.83 12.00 -0.02
C GLU A 115 25.62 11.43 1.36
N ILE A 116 24.67 11.99 2.08
CA ILE A 116 24.28 11.44 3.36
C ILE A 116 23.98 9.92 3.30
N ILE A 117 23.12 9.51 2.38
CA ILE A 117 22.78 8.11 2.36
C ILE A 117 24.03 7.25 2.28
N GLU A 118 24.88 7.56 1.30
CA GLU A 118 26.11 6.80 1.07
C GLU A 118 27.04 6.85 2.28
N GLU A 119 27.09 8.01 2.92
CA GLU A 119 27.88 8.19 4.12
C GLU A 119 27.45 7.28 5.24
N GLU A 120 26.16 7.02 5.36
CA GLU A 120 25.75 6.28 6.54
C GLU A 120 26.10 4.78 6.53
N GLU A 121 27.18 4.43 5.81
CA GLU A 121 27.99 3.19 5.98
C GLU A 121 29.46 3.44 5.62
N GLU A 122 30.30 3.51 6.64
CA GLU A 122 29.95 3.10 8.01
C GLU A 122 29.64 1.62 8.20
N ILE A 123 30.68 0.82 7.91
CA ILE A 123 30.95 -0.46 8.54
C ILE A 123 32.33 -0.36 9.21
N LYS A 146 22.87 4.77 -4.56
CA LYS A 146 23.73 5.06 -5.70
C LYS A 146 23.09 6.01 -6.73
N GLU A 147 23.56 5.94 -7.98
CA GLU A 147 23.30 6.98 -9.00
C GLU A 147 21.85 7.39 -9.19
N TYR A 148 20.94 6.43 -9.13
CA TYR A 148 19.54 6.75 -9.37
C TYR A 148 19.10 8.00 -8.60
N LEU A 149 19.65 8.20 -7.40
CA LEU A 149 19.31 9.38 -6.60
C LEU A 149 19.75 10.71 -7.25
N ASP A 150 20.55 10.61 -8.30
CA ASP A 150 20.97 11.81 -9.00
C ASP A 150 20.28 11.83 -10.36
N THR A 151 20.22 10.68 -11.01
CA THR A 151 19.70 10.63 -12.35
C THR A 151 18.17 10.73 -12.40
N ALA A 152 17.51 10.27 -11.34
CA ALA A 152 16.05 10.39 -11.33
C ALA A 152 15.64 11.83 -11.35
N PRO A 153 14.63 12.15 -12.15
CA PRO A 153 14.04 13.50 -12.18
C PRO A 153 13.47 13.94 -10.82
N VAL A 154 12.83 13.03 -10.08
CA VAL A 154 12.09 13.38 -8.87
C VAL A 154 12.45 12.47 -7.72
N LEU A 155 12.63 13.02 -6.53
CA LEU A 155 12.65 12.19 -5.33
C LEU A 155 11.37 12.44 -4.57
N ILE A 156 10.77 11.36 -4.11
CA ILE A 156 9.67 11.46 -3.17
C ILE A 156 10.09 10.78 -1.89
N LEU A 157 10.11 11.57 -0.82
CA LEU A 157 10.40 11.06 0.49
C LEU A 157 9.11 11.15 1.28
N ILE A 158 8.71 10.06 1.93
CA ILE A 158 7.51 10.03 2.75
C ILE A 158 7.94 10.04 4.19
N PHE A 159 7.51 11.05 4.93
CA PHE A 159 7.86 11.19 6.34
C PHE A 159 6.57 10.89 7.10
N LYS A 160 6.70 10.29 8.28
CA LYS A 160 5.50 10.07 9.06
C LYS A 160 5.47 11.10 10.15
N GLN A 161 4.26 11.40 10.58
CA GLN A 161 4.06 12.43 11.58
C GLN A 161 3.86 11.73 12.92
N VAL A 162 4.90 11.70 13.75
CA VAL A 162 4.74 11.16 15.10
C VAL A 162 3.96 12.11 15.99
N TYR A 176 0.49 3.29 15.50
CA TYR A 176 -0.23 2.95 14.28
C TYR A 176 0.24 3.79 13.10
N ASN A 177 0.84 4.93 13.39
CA ASN A 177 1.15 5.85 12.32
C ASN A 177 2.00 5.13 11.26
N GLU A 178 2.91 4.28 11.70
CA GLU A 178 3.85 3.72 10.75
C GLU A 178 3.14 2.82 9.80
N ILE A 179 2.14 2.11 10.29
CA ILE A 179 1.38 1.28 9.38
C ILE A 179 0.58 2.07 8.32
N SER A 180 -0.19 3.05 8.74
CA SER A 180 -0.87 3.96 7.82
C SER A 180 0.05 4.48 6.73
N VAL A 181 1.13 5.13 7.13
CA VAL A 181 2.07 5.73 6.20
C VAL A 181 2.52 4.67 5.20
N SER A 182 2.90 3.48 5.69
CA SER A 182 3.43 2.46 4.77
C SER A 182 2.38 1.96 3.80
N ILE A 183 1.18 1.73 4.32
CA ILE A 183 0.04 1.44 3.47
C ILE A 183 -0.06 2.54 2.40
N ALA A 184 0.03 3.80 2.83
CA ALA A 184 -0.01 4.93 1.91
C ALA A 184 1.08 4.75 0.83
N ALA A 185 2.24 4.24 1.25
CA ALA A 185 3.32 4.04 0.30
C ALA A 185 2.88 3.01 -0.74
N GLY A 186 2.30 1.90 -0.28
CA GLY A 186 1.63 0.94 -1.13
C GLY A 186 0.74 1.61 -2.16
N LEU A 187 -0.14 2.52 -1.74
CA LEU A 187 -1.03 3.15 -2.71
C LEU A 187 -0.20 3.95 -3.68
N LEU A 188 0.76 4.69 -3.16
CA LEU A 188 1.71 5.39 -4.01
C LEU A 188 2.37 4.49 -5.08
N LEU A 189 2.85 3.32 -4.67
CA LEU A 189 3.49 2.40 -5.61
C LEU A 189 2.53 1.93 -6.73
N ALA A 190 1.33 1.52 -6.34
CA ALA A 190 0.34 1.12 -7.33
C ALA A 190 0.13 2.27 -8.31
N ALA A 191 0.03 3.49 -7.78
CA ALA A 191 -0.36 4.62 -8.62
C ALA A 191 0.75 5.00 -9.63
N LEU A 192 2.01 4.72 -9.29
CA LEU A 192 3.09 4.96 -10.23
C LEU A 192 3.06 3.90 -11.29
N GLN A 193 2.81 2.67 -10.88
CA GLN A 193 2.84 1.57 -11.81
C GLN A 193 1.74 1.85 -12.79
N ASN A 194 0.65 2.37 -12.25
CA ASN A 194 -0.52 2.47 -13.08
C ASN A 194 -0.31 3.64 -14.04
N ALA A 195 0.68 4.45 -13.76
CA ALA A 195 0.85 5.65 -14.58
C ALA A 195 2.09 5.62 -15.47
N GLY A 196 2.81 4.52 -15.49
CA GLY A 196 3.88 4.46 -16.46
C GLY A 196 5.21 4.87 -15.90
N LEU A 197 5.31 4.97 -14.58
CA LEU A 197 6.57 5.35 -13.95
C LEU A 197 7.13 4.19 -13.14
N VAL A 198 8.44 4.23 -12.88
CA VAL A 198 9.06 3.23 -12.04
C VAL A 198 9.86 3.86 -10.91
N THR A 199 10.22 3.04 -9.94
CA THR A 199 11.03 3.45 -8.84
C THR A 199 11.62 2.19 -8.21
N VAL A 200 12.36 2.36 -7.12
CA VAL A 200 12.83 1.23 -6.36
C VAL A 200 12.56 1.65 -4.94
N THR A 201 11.68 0.94 -4.26
CA THR A 201 11.36 1.31 -2.91
C THR A 201 12.61 1.21 -2.06
N THR A 202 12.85 2.17 -1.14
CA THR A 202 13.95 2.04 -0.18
C THR A 202 13.54 2.76 1.08
N THR A 203 14.23 2.47 2.19
CA THR A 203 13.82 2.92 3.53
C THR A 203 15.01 3.17 4.41
N PRO A 204 15.82 4.16 4.06
CA PRO A 204 17.09 4.44 4.77
C PRO A 204 16.84 5.10 6.12
N LEU A 205 16.38 4.33 7.09
CA LEU A 205 16.06 4.86 8.41
C LEU A 205 17.26 5.41 9.23
N ASN A 206 18.46 4.90 8.93
CA ASN A 206 19.69 5.40 9.53
C ASN A 206 20.11 6.82 9.05
N ALA A 207 19.78 7.17 7.80
CA ALA A 207 19.98 8.52 7.27
C ALA A 207 18.81 9.45 7.58
N GLY A 208 17.80 8.93 8.27
CA GLY A 208 16.57 9.68 8.51
C GLY A 208 16.86 11.00 9.18
N PRO A 209 17.41 10.93 10.38
CA PRO A 209 17.73 12.18 11.07
C PRO A 209 18.47 13.24 10.21
N ARG A 210 19.54 12.87 9.54
CA ARG A 210 20.31 13.88 8.85
C ARG A 210 19.56 14.44 7.67
N LEU A 211 18.65 13.64 7.14
CA LEU A 211 17.81 14.10 6.05
C LEU A 211 16.64 14.97 6.55
N ARG A 212 16.09 14.62 7.70
CA ARG A 212 15.14 15.48 8.35
C ARG A 212 15.74 16.89 8.39
N VAL A 213 16.92 17.03 8.98
CA VAL A 213 17.59 18.33 9.01
C VAL A 213 17.92 18.93 7.64
N LEU A 214 18.62 18.18 6.78
CA LEU A 214 18.94 18.69 5.44
C LEU A 214 17.66 19.24 4.81
N LEU A 215 16.60 18.46 4.84
CA LEU A 215 15.39 18.86 4.16
C LEU A 215 14.52 19.86 4.92
N GLY A 216 14.95 20.25 6.12
CA GLY A 216 14.19 21.23 6.89
C GLY A 216 12.89 20.72 7.53
N ARG A 217 12.68 19.42 7.57
CA ARG A 217 11.45 18.88 8.14
C ARG A 217 11.50 19.08 9.66
N PRO A 218 10.32 19.19 10.30
CA PRO A 218 10.21 19.57 11.71
C PRO A 218 10.49 18.41 12.62
N SER A 219 10.55 18.65 13.92
CA SER A 219 10.87 17.58 14.84
C SER A 219 9.91 16.41 14.66
N HIS A 220 8.62 16.70 14.61
CA HIS A 220 7.61 15.63 14.57
C HIS A 220 7.51 14.76 13.28
N GLU A 221 8.43 14.92 12.35
CA GLU A 221 8.46 14.07 11.17
C GLU A 221 9.71 13.20 11.22
N LYS A 222 9.56 11.92 10.87
CA LYS A 222 10.63 10.94 10.79
C LYS A 222 10.56 10.31 9.41
N LEU A 223 11.68 10.21 8.71
CA LEU A 223 11.68 9.59 7.39
C LEU A 223 11.34 8.12 7.36
N LEU A 224 10.53 7.72 6.39
CA LEU A 224 10.12 6.33 6.29
C LEU A 224 10.56 5.65 5.00
N VAL A 225 10.15 6.24 3.88
CA VAL A 225 10.34 5.69 2.55
C VAL A 225 10.93 6.78 1.68
N LEU A 226 11.86 6.38 0.84
CA LEU A 226 12.42 7.28 -0.15
C LEU A 226 12.32 6.55 -1.46
N LEU A 227 11.56 7.16 -2.37
CA LEU A 227 11.33 6.65 -3.71
C LEU A 227 11.83 7.59 -4.80
N PRO A 228 12.83 7.15 -5.58
CA PRO A 228 13.30 7.88 -6.76
C PRO A 228 12.41 7.55 -7.96
N VAL A 229 11.83 8.56 -8.61
CA VAL A 229 10.78 8.28 -9.59
C VAL A 229 11.19 8.68 -11.02
N GLY A 230 10.84 7.86 -12.01
CA GLY A 230 11.17 8.23 -13.36
C GLY A 230 10.82 7.20 -14.39
N TYR A 231 11.34 7.39 -15.59
CA TYR A 231 11.26 6.36 -16.60
C TYR A 231 12.48 5.48 -16.36
N PRO A 232 12.37 4.16 -16.65
CA PRO A 232 13.57 3.34 -16.65
C PRO A 232 14.57 3.81 -17.70
N SER A 233 15.84 3.48 -17.51
CA SER A 233 16.89 3.71 -18.48
C SER A 233 16.63 2.90 -19.73
N ARG A 234 17.01 3.45 -20.86
CA ARG A 234 16.90 2.72 -22.10
C ARG A 234 17.61 1.41 -21.96
N ASP A 235 18.60 1.34 -21.07
CA ASP A 235 19.41 0.12 -20.89
C ASP A 235 19.06 -0.64 -19.61
N ALA A 236 18.05 -0.17 -18.89
CA ALA A 236 17.71 -0.77 -17.62
C ALA A 236 17.67 -2.31 -17.66
N THR A 237 18.00 -2.92 -16.52
CA THR A 237 17.74 -4.35 -16.32
C THR A 237 17.20 -4.56 -14.92
N VAL A 238 16.45 -5.65 -14.71
CA VAL A 238 16.14 -6.19 -13.37
C VAL A 238 16.66 -7.62 -13.15
N PRO A 239 16.79 -8.03 -11.87
CA PRO A 239 17.13 -9.41 -11.49
C PRO A 239 16.05 -10.38 -11.88
N ASP A 240 16.42 -11.60 -12.27
CA ASP A 240 15.46 -12.56 -12.76
C ASP A 240 14.93 -13.27 -11.51
N LEU A 241 13.91 -12.67 -10.92
CA LEU A 241 13.33 -13.15 -9.67
C LEU A 241 11.92 -13.55 -9.97
N LYS A 242 11.48 -14.59 -9.30
CA LYS A 242 10.14 -15.12 -9.48
C LYS A 242 9.32 -14.76 -8.23
N ARG A 243 8.04 -14.50 -8.40
CA ARG A 243 7.16 -14.21 -7.27
C ARG A 243 6.56 -15.50 -6.77
N LYS A 244 6.38 -15.63 -5.46
CA LYS A 244 5.61 -16.73 -4.89
C LYS A 244 4.29 -16.86 -5.64
N ALA A 245 3.90 -18.10 -5.95
CA ALA A 245 2.54 -18.33 -6.41
C ALA A 245 1.55 -18.18 -5.29
N LEU A 246 0.29 -18.12 -5.69
CA LEU A 246 -0.79 -17.84 -4.79
C LEU A 246 -0.82 -18.90 -3.71
N ASP A 247 -0.56 -20.14 -4.08
CA ASP A 247 -0.75 -21.21 -3.09
C ASP A 247 0.29 -21.08 -2.00
N GLN A 248 1.31 -20.25 -2.26
CA GLN A 248 2.42 -20.03 -1.32
C GLN A 248 2.25 -18.81 -0.40
N ILE A 249 1.19 -18.03 -0.59
CA ILE A 249 0.99 -16.85 0.23
C ILE A 249 -0.44 -16.82 0.75
N MET A 250 -1.27 -17.77 0.32
CA MET A 250 -2.67 -17.77 0.77
C MET A 250 -3.14 -19.08 1.42
N VAL A 251 -3.61 -18.99 2.67
CA VAL A 251 -4.05 -20.16 3.40
C VAL A 251 -5.50 -20.00 3.78
N THR A 252 -6.29 -21.03 3.50
CA THR A 252 -7.73 -20.98 3.71
C THR A 252 -8.15 -21.85 4.85
N VAL A 253 -8.96 -21.28 5.73
CA VAL A 253 -9.47 -22.00 6.88
C VAL A 253 -10.85 -22.53 6.53
N HIS A 254 -10.99 -23.84 6.65
CA HIS A 254 -12.23 -24.52 6.35
C HIS A 254 -12.75 -25.17 7.62
N GLU B 36 20.82 -13.97 -14.38
CA GLU B 36 20.49 -13.36 -13.10
C GLU B 36 19.85 -11.97 -13.27
N HIS B 37 20.35 -11.19 -14.24
CA HIS B 37 19.83 -9.84 -14.51
C HIS B 37 19.40 -9.73 -15.94
N ILE B 38 18.09 -9.64 -16.18
CA ILE B 38 17.56 -9.57 -17.54
C ILE B 38 17.18 -8.13 -17.89
N PRO B 39 17.06 -7.85 -19.18
CA PRO B 39 16.59 -6.50 -19.52
C PRO B 39 15.17 -6.37 -19.04
N PHE B 40 14.75 -5.13 -18.80
CA PHE B 40 13.47 -4.84 -18.18
C PHE B 40 12.49 -4.24 -19.17
N SER B 41 11.28 -4.78 -19.17
CA SER B 41 10.28 -4.45 -20.19
C SER B 41 9.21 -3.49 -19.66
N HIS B 42 9.17 -2.29 -20.26
CA HIS B 42 8.30 -1.27 -19.74
C HIS B 42 7.18 -1.03 -20.74
N THR B 43 6.06 -0.52 -20.22
CA THR B 43 4.96 0.02 -21.01
C THR B 43 4.92 1.54 -20.82
N ARG B 44 5.35 2.31 -21.82
CA ARG B 44 5.35 3.77 -21.61
C ARG B 44 4.12 4.42 -22.23
N TYR B 45 3.41 5.27 -21.48
CA TYR B 45 2.25 5.95 -22.05
C TYR B 45 2.62 7.38 -22.36
N PRO B 46 2.06 7.90 -23.44
CA PRO B 46 2.17 9.32 -23.79
C PRO B 46 1.75 10.19 -22.61
N GLU B 47 2.39 11.34 -22.45
CA GLU B 47 2.15 12.12 -21.26
C GLU B 47 0.66 12.35 -21.01
N GLN B 48 -0.10 12.70 -22.04
CA GLN B 48 -1.52 12.96 -21.87
C GLN B 48 -2.20 11.79 -21.15
N GLU B 49 -1.99 10.58 -21.66
CA GLU B 49 -2.58 9.38 -21.05
C GLU B 49 -2.06 9.08 -19.64
N MET B 50 -0.82 9.47 -19.34
CA MET B 50 -0.29 9.27 -18.00
C MET B 50 -1.06 10.18 -17.07
N ARG B 51 -1.36 11.40 -17.52
CA ARG B 51 -2.17 12.31 -16.70
C ARG B 51 -3.53 11.70 -16.44
N MET B 52 -4.15 11.26 -17.52
CA MET B 52 -5.51 10.76 -17.51
C MET B 52 -5.66 9.49 -16.66
N ARG B 53 -4.71 8.55 -16.81
CA ARG B 53 -4.72 7.27 -16.09
C ARG B 53 -4.56 7.57 -14.63
N SER B 54 -3.68 8.53 -14.31
CA SER B 54 -3.33 8.77 -12.93
C SER B 54 -4.47 9.52 -12.28
N GLN B 55 -5.13 10.39 -13.06
CA GLN B 55 -6.31 11.12 -12.52
C GLN B 55 -7.36 10.13 -12.14
N GLU B 56 -7.75 9.28 -13.09
CA GLU B 56 -8.83 8.32 -12.87
C GLU B 56 -8.55 7.35 -11.74
N PHE B 57 -7.29 6.97 -11.58
CA PHE B 57 -6.95 6.04 -10.51
C PHE B 57 -7.16 6.75 -9.19
N TYR B 58 -6.69 7.99 -9.14
CA TYR B 58 -6.93 8.79 -7.95
C TYR B 58 -8.41 8.85 -7.60
N GLU B 59 -9.23 9.13 -8.62
CA GLU B 59 -10.70 9.23 -8.48
C GLU B 59 -11.30 7.93 -7.92
N LEU B 60 -10.73 6.80 -8.35
CA LEU B 60 -11.17 5.48 -7.97
C LEU B 60 -10.87 5.20 -6.49
N LEU B 61 -9.62 5.36 -6.10
CA LEU B 61 -9.19 5.16 -4.72
C LEU B 61 -9.81 6.13 -3.74
N ASN B 62 -9.99 7.37 -4.16
CA ASN B 62 -10.63 8.37 -3.31
C ASN B 62 -12.10 8.05 -3.03
N LYS B 63 -12.67 7.16 -3.81
CA LYS B 63 -13.99 6.72 -3.46
C LYS B 63 -13.93 5.74 -2.26
N ARG B 64 -12.75 5.23 -1.93
CA ARG B 64 -12.64 4.24 -0.88
C ARG B 64 -12.95 4.85 0.49
N ARG B 65 -13.67 4.10 1.33
CA ARG B 65 -13.93 4.47 2.72
C ARG B 65 -14.02 3.20 3.56
N SER B 66 -13.41 3.19 4.75
CA SER B 66 -13.60 2.08 5.70
C SER B 66 -15.07 1.95 6.01
N VAL B 67 -15.60 0.75 5.80
CA VAL B 67 -17.02 0.52 6.04
C VAL B 67 -17.20 -0.50 7.16
N ARG B 68 -17.95 -0.11 8.19
CA ARG B 68 -18.02 -0.97 9.35
C ARG B 68 -19.35 -1.70 9.47
N PHE B 69 -20.10 -1.68 8.36
CA PHE B 69 -21.38 -2.36 8.24
C PHE B 69 -21.35 -3.16 6.97
N ILE B 70 -21.20 -4.47 7.11
CA ILE B 70 -20.91 -5.31 5.95
C ILE B 70 -21.90 -6.46 5.74
N SER B 71 -22.44 -6.54 4.54
CA SER B 71 -23.49 -7.50 4.29
C SER B 71 -22.94 -8.89 4.41
N SER B 72 -23.83 -9.84 4.64
CA SER B 72 -23.43 -11.25 4.69
C SER B 72 -23.33 -11.88 3.30
N GLU B 73 -23.46 -11.09 2.24
CA GLU B 73 -23.68 -11.65 0.89
C GLU B 73 -22.41 -12.27 0.31
N HIS B 74 -22.49 -13.52 -0.15
CA HIS B 74 -21.34 -14.21 -0.74
C HIS B 74 -20.63 -13.27 -1.67
N VAL B 75 -19.29 -13.32 -1.68
CA VAL B 75 -18.51 -12.66 -2.72
C VAL B 75 -17.61 -13.64 -3.48
N PRO B 76 -17.28 -13.32 -4.73
CA PRO B 76 -16.67 -14.41 -5.49
C PRO B 76 -15.32 -14.75 -4.93
N MET B 77 -15.02 -16.04 -4.81
CA MET B 77 -13.68 -16.43 -4.39
C MET B 77 -12.59 -16.02 -5.40
N GLU B 78 -12.95 -15.91 -6.68
CA GLU B 78 -11.95 -15.54 -7.69
C GLU B 78 -11.51 -14.11 -7.45
N VAL B 79 -12.37 -13.32 -6.83
CA VAL B 79 -12.04 -11.91 -6.66
C VAL B 79 -11.20 -11.82 -5.42
N ILE B 80 -11.60 -12.57 -4.42
CA ILE B 80 -10.75 -12.68 -3.26
C ILE B 80 -9.31 -13.08 -3.61
N GLU B 81 -9.14 -14.26 -4.23
CA GLU B 81 -7.85 -14.65 -4.79
C GLU B 81 -7.15 -13.54 -5.60
N ASN B 82 -7.87 -12.86 -6.50
CA ASN B 82 -7.24 -11.82 -7.32
C ASN B 82 -6.63 -10.67 -6.50
N VAL B 83 -7.36 -10.21 -5.48
CA VAL B 83 -6.86 -9.09 -4.70
C VAL B 83 -5.64 -9.51 -3.88
N ILE B 84 -5.63 -10.78 -3.47
CA ILE B 84 -4.47 -11.31 -2.76
C ILE B 84 -3.29 -11.47 -3.71
N LYS B 85 -3.54 -11.99 -4.90
CA LYS B 85 -2.51 -12.02 -5.90
C LYS B 85 -1.97 -10.61 -6.05
N ALA B 86 -2.84 -9.61 -6.06
CA ALA B 86 -2.35 -8.25 -6.29
C ALA B 86 -1.44 -7.84 -5.15
N ALA B 87 -1.90 -8.15 -3.94
CA ALA B 87 -1.17 -7.77 -2.73
C ALA B 87 0.17 -8.45 -2.73
N GLY B 88 0.23 -9.66 -3.28
CA GLY B 88 1.49 -10.40 -3.41
C GLY B 88 2.53 -9.77 -4.33
N THR B 89 2.14 -8.77 -5.12
CA THR B 89 3.08 -8.13 -6.04
C THR B 89 3.88 -7.04 -5.36
N ALA B 90 3.61 -6.78 -4.08
CA ALA B 90 4.40 -5.82 -3.34
C ALA B 90 5.92 -6.04 -3.45
N PRO B 91 6.69 -4.95 -3.37
CA PRO B 91 8.11 -5.00 -3.07
C PRO B 91 8.33 -5.47 -1.64
N SER B 92 9.47 -6.08 -1.38
CA SER B 92 9.79 -6.59 -0.07
C SER B 92 11.28 -6.42 0.15
N GLY B 93 11.62 -5.86 1.30
CA GLY B 93 13.01 -5.87 1.73
C GLY B 93 13.68 -7.21 1.44
N ALA B 94 14.83 -7.16 0.76
CA ALA B 94 15.59 -8.38 0.40
C ALA B 94 14.73 -9.43 -0.30
N HIS B 95 13.63 -9.02 -0.89
CA HIS B 95 12.83 -10.01 -1.59
C HIS B 95 12.37 -11.19 -0.71
N THR B 96 12.22 -10.95 0.60
CA THR B 96 11.65 -11.96 1.48
C THR B 96 10.16 -12.27 1.27
N GLU B 97 9.42 -11.40 0.59
CA GLU B 97 8.01 -11.68 0.31
C GLU B 97 7.33 -12.26 1.50
N PRO B 98 7.61 -11.71 2.69
CA PRO B 98 7.28 -12.32 3.97
C PRO B 98 5.85 -12.04 4.40
N TRP B 99 4.86 -12.49 3.64
CA TRP B 99 3.50 -12.23 4.03
C TRP B 99 2.76 -13.53 3.94
N THR B 100 1.82 -13.75 4.87
CA THR B 100 0.89 -14.86 4.76
C THR B 100 -0.51 -14.31 4.86
N PHE B 101 -1.37 -14.66 3.89
CA PHE B 101 -2.78 -14.19 3.78
C PHE B 101 -3.69 -15.31 4.18
N VAL B 102 -4.26 -15.21 5.38
CA VAL B 102 -5.10 -16.27 5.93
C VAL B 102 -6.54 -15.93 5.62
N VAL B 103 -7.20 -16.73 4.79
CA VAL B 103 -8.59 -16.47 4.48
C VAL B 103 -9.49 -17.32 5.37
N VAL B 104 -10.33 -16.62 6.14
CA VAL B 104 -11.29 -17.28 7.01
C VAL B 104 -12.66 -17.10 6.43
N LYS B 105 -13.40 -18.19 6.27
CA LYS B 105 -14.77 -18.10 5.81
C LYS B 105 -15.78 -18.81 6.73
N ASP B 106 -15.33 -19.84 7.43
CA ASP B 106 -16.13 -20.57 8.42
C ASP B 106 -16.82 -19.63 9.42
N PRO B 107 -18.14 -19.66 9.47
CA PRO B 107 -18.86 -18.75 10.37
C PRO B 107 -18.40 -18.93 11.82
N ASP B 108 -18.17 -20.17 12.19
CA ASP B 108 -17.67 -20.44 13.52
C ASP B 108 -16.32 -19.80 13.74
N MET B 109 -15.37 -20.07 12.84
CA MET B 109 -14.05 -19.51 13.04
C MET B 109 -14.12 -18.01 13.20
N LYS B 110 -15.01 -17.39 12.44
CA LYS B 110 -15.10 -15.94 12.45
C LYS B 110 -15.60 -15.50 13.81
N HIS B 111 -16.52 -16.27 14.37
CA HIS B 111 -16.98 -15.90 15.67
C HIS B 111 -15.88 -16.03 16.71
N LYS B 112 -15.10 -17.11 16.67
CA LYS B 112 -14.09 -17.29 17.72
C LYS B 112 -13.10 -16.12 17.64
N ILE B 113 -12.74 -15.75 16.41
CA ILE B 113 -11.94 -14.56 16.19
C ILE B 113 -12.58 -13.31 16.79
N ARG B 114 -13.88 -13.13 16.58
CA ARG B 114 -14.56 -11.99 17.19
C ARG B 114 -14.38 -12.01 18.71
N GLU B 115 -14.54 -13.17 19.33
CA GLU B 115 -14.54 -13.25 20.79
C GLU B 115 -13.24 -12.77 21.39
N ILE B 116 -12.15 -13.35 20.94
CA ILE B 116 -10.84 -12.90 21.35
C ILE B 116 -10.66 -11.38 21.19
N ILE B 117 -10.94 -10.86 20.01
CA ILE B 117 -10.71 -9.45 19.82
C ILE B 117 -11.44 -8.64 20.87
N GLU B 118 -12.72 -8.90 21.06
CA GLU B 118 -13.54 -8.19 22.03
C GLU B 118 -13.01 -8.38 23.44
N GLU B 119 -12.54 -9.59 23.72
CA GLU B 119 -11.99 -9.88 25.03
C GLU B 119 -10.77 -9.05 25.35
N GLU B 120 -9.96 -8.74 24.35
CA GLU B 120 -8.71 -8.10 24.68
C GLU B 120 -8.84 -6.61 25.10
N GLU B 121 -10.02 -6.26 25.66
CA GLU B 121 -10.24 -5.07 26.53
C GLU B 121 -11.35 -5.34 27.55
N GLU B 122 -10.96 -5.52 28.81
CA GLU B 122 -9.59 -5.23 29.26
C GLU B 122 -9.20 -3.76 29.23
N ILE B 123 -9.98 -3.00 30.03
CA ILE B 123 -9.53 -1.79 30.71
C ILE B 123 -9.71 -1.99 32.22
N LYS B 146 -16.45 -5.48 16.42
CA LYS B 146 -17.87 -5.80 16.56
C LYS B 146 -18.43 -6.62 15.39
N GLU B 147 -19.73 -6.46 15.13
CA GLU B 147 -20.49 -7.40 14.29
C GLU B 147 -19.90 -7.72 12.92
N TYR B 148 -19.30 -6.73 12.28
CA TYR B 148 -18.79 -6.97 10.95
C TYR B 148 -17.96 -8.25 10.89
N LEU B 149 -17.25 -8.57 11.97
CA LEU B 149 -16.44 -9.81 12.00
C LEU B 149 -17.31 -11.08 11.92
N ASP B 150 -18.61 -10.95 12.07
CA ASP B 150 -19.47 -12.10 11.92
C ASP B 150 -20.25 -11.98 10.63
N THR B 151 -20.72 -10.78 10.34
CA THR B 151 -21.56 -10.59 9.16
C THR B 151 -20.77 -10.63 7.85
N ALA B 152 -19.51 -10.22 7.89
CA ALA B 152 -18.71 -10.27 6.67
C ALA B 152 -18.56 -11.69 6.19
N PRO B 153 -18.70 -11.91 4.88
CA PRO B 153 -18.51 -13.21 4.26
C PRO B 153 -17.07 -13.75 4.45
N VAL B 154 -16.06 -12.88 4.38
CA VAL B 154 -14.66 -13.27 4.38
C VAL B 154 -13.84 -12.48 5.38
N LEU B 155 -12.96 -13.14 6.13
CA LEU B 155 -11.92 -12.41 6.85
C LEU B 155 -10.60 -12.65 6.16
N ILE B 156 -9.86 -11.58 5.98
CA ILE B 156 -8.48 -11.71 5.56
C ILE B 156 -7.58 -11.17 6.66
N LEU B 157 -6.72 -12.04 7.15
CA LEU B 157 -5.77 -11.65 8.13
C LEU B 157 -4.39 -11.76 7.47
N ILE B 158 -3.59 -10.71 7.60
CA ILE B 158 -2.27 -10.69 7.02
C ILE B 158 -1.26 -10.85 8.14
N PHE B 159 -0.47 -11.91 8.07
CA PHE B 159 0.53 -12.18 9.10
C PHE B 159 1.88 -11.87 8.44
N LYS B 160 2.82 -11.37 9.22
CA LYS B 160 4.14 -11.16 8.66
C LYS B 160 5.00 -12.27 9.14
N GLN B 161 6.03 -12.54 8.37
CA GLN B 161 6.92 -13.66 8.64
C GLN B 161 8.20 -13.07 9.21
N VAL B 162 8.33 -13.13 10.53
CA VAL B 162 9.59 -12.70 11.17
C VAL B 162 10.71 -13.72 10.91
N TYR B 176 12.55 -4.72 8.47
CA TYR B 176 11.93 -4.25 7.23
C TYR B 176 10.63 -5.03 6.91
N ASN B 177 10.50 -6.21 7.50
CA ASN B 177 9.40 -7.05 7.10
C ASN B 177 8.08 -6.28 7.30
N GLU B 178 8.01 -5.51 8.38
CA GLU B 178 6.74 -4.93 8.73
C GLU B 178 6.34 -3.91 7.69
N ILE B 179 7.33 -3.21 7.15
CA ILE B 179 7.01 -2.25 6.11
C ILE B 179 6.51 -2.90 4.80
N SER B 180 7.25 -3.89 4.31
CA SER B 180 6.80 -4.69 3.18
C SER B 180 5.36 -5.16 3.34
N VAL B 181 5.10 -5.88 4.42
CA VAL B 181 3.78 -6.44 4.64
C VAL B 181 2.75 -5.33 4.56
N SER B 182 2.97 -4.23 5.28
CA SER B 182 1.97 -3.12 5.30
C SER B 182 1.74 -2.50 3.93
N ILE B 183 2.82 -2.22 3.20
CA ILE B 183 2.74 -1.86 1.80
C ILE B 183 1.86 -2.87 1.07
N ALA B 184 2.12 -4.16 1.28
CA ALA B 184 1.31 -5.20 0.64
C ALA B 184 -0.16 -4.98 1.00
N ALA B 185 -0.39 -4.52 2.22
CA ALA B 185 -1.78 -4.34 2.64
C ALA B 185 -2.38 -3.21 1.83
N GLY B 186 -1.64 -2.11 1.69
CA GLY B 186 -1.98 -1.05 0.75
C GLY B 186 -2.40 -1.61 -0.61
N LEU B 187 -1.60 -2.50 -1.20
CA LEU B 187 -1.95 -3.01 -2.53
C LEU B 187 -3.25 -3.77 -2.41
N LEU B 188 -3.34 -4.58 -1.37
CA LEU B 188 -4.61 -5.26 -1.11
C LEU B 188 -5.82 -4.29 -1.04
N LEU B 189 -5.68 -3.19 -0.31
CA LEU B 189 -6.77 -2.23 -0.20
C LEU B 189 -7.17 -1.63 -1.58
N ALA B 190 -6.18 -1.24 -2.37
CA ALA B 190 -6.48 -0.69 -3.68
C ALA B 190 -7.26 -1.72 -4.48
N ALA B 191 -6.80 -2.97 -4.40
CA ALA B 191 -7.37 -4.00 -5.25
C ALA B 191 -8.85 -4.32 -4.88
N LEU B 192 -9.22 -4.13 -3.63
CA LEU B 192 -10.60 -4.37 -3.22
C LEU B 192 -11.42 -3.23 -3.71
N GLN B 193 -10.87 -2.04 -3.57
CA GLN B 193 -11.60 -0.87 -3.99
C GLN B 193 -11.85 -1.00 -5.47
N ASN B 194 -10.83 -1.50 -6.14
CA ASN B 194 -10.91 -1.52 -7.58
C ASN B 194 -11.89 -2.59 -8.01
N ALA B 195 -12.21 -3.49 -7.10
CA ALA B 195 -13.06 -4.60 -7.51
C ALA B 195 -14.47 -4.57 -6.93
N GLY B 196 -14.83 -3.51 -6.24
CA GLY B 196 -16.22 -3.40 -5.82
C GLY B 196 -16.48 -3.92 -4.43
N LEU B 197 -15.41 -4.15 -3.67
CA LEU B 197 -15.57 -4.63 -2.30
C LEU B 197 -15.17 -3.56 -1.30
N VAL B 198 -15.66 -3.67 -0.08
CA VAL B 198 -15.22 -2.75 0.96
C VAL B 198 -14.73 -3.52 2.18
N THR B 199 -14.07 -2.80 3.07
CA THR B 199 -13.61 -3.35 4.32
C THR B 199 -13.36 -2.18 5.27
N VAL B 200 -12.84 -2.48 6.45
CA VAL B 200 -12.39 -1.44 7.36
C VAL B 200 -11.08 -1.92 7.87
N THR B 201 -10.00 -1.21 7.54
CA THR B 201 -8.70 -1.70 7.97
C THR B 201 -8.64 -1.72 9.49
N THR B 202 -8.03 -2.76 10.06
CA THR B 202 -7.81 -2.77 11.51
C THR B 202 -6.57 -3.60 11.78
N THR B 203 -6.00 -3.44 12.98
CA THR B 203 -4.68 -3.98 13.33
C THR B 203 -4.58 -4.35 14.79
N PRO B 204 -5.37 -5.34 15.21
CA PRO B 204 -5.46 -5.76 16.61
C PRO B 204 -4.22 -6.49 17.08
N LEU B 205 -3.12 -5.77 17.27
CA LEU B 205 -1.86 -6.41 17.64
C LEU B 205 -1.84 -7.06 19.05
N ASN B 206 -2.72 -6.58 19.93
CA ASN B 206 -2.90 -7.20 21.25
C ASN B 206 -3.57 -8.60 21.22
N ALA B 207 -4.47 -8.82 20.26
CA ALA B 207 -5.09 -10.13 20.04
C ALA B 207 -4.25 -11.03 19.13
N GLY B 208 -3.09 -10.53 18.71
CA GLY B 208 -2.25 -11.22 17.75
C GLY B 208 -1.90 -12.60 18.22
N PRO B 209 -1.20 -12.66 19.34
CA PRO B 209 -0.85 -13.98 19.88
C PRO B 209 -2.01 -14.99 19.96
N ARG B 210 -3.15 -14.60 20.50
CA ARG B 210 -4.18 -15.59 20.72
C ARG B 210 -4.80 -16.01 19.41
N LEU B 211 -4.67 -15.15 18.42
CA LEU B 211 -5.20 -15.48 17.10
C LEU B 211 -4.21 -16.34 16.32
N ARG B 212 -2.92 -16.06 16.48
CA ARG B 212 -1.88 -16.94 15.98
C ARG B 212 -2.24 -18.36 16.39
N VAL B 213 -2.42 -18.58 17.68
CA VAL B 213 -2.80 -19.92 18.16
C VAL B 213 -4.17 -20.43 17.65
N LEU B 214 -5.23 -19.67 17.86
CA LEU B 214 -6.54 -20.08 17.34
C LEU B 214 -6.38 -20.51 15.90
N LEU B 215 -5.78 -19.67 15.08
CA LEU B 215 -5.72 -19.97 13.67
C LEU B 215 -4.65 -20.99 13.24
N GLY B 216 -3.88 -21.49 14.20
CA GLY B 216 -2.88 -22.51 13.89
C GLY B 216 -1.62 -21.98 13.19
N ARG B 217 -1.42 -20.67 13.15
CA ARG B 217 -0.26 -20.15 12.46
C ARG B 217 1.00 -20.48 13.29
N PRO B 218 2.15 -20.61 12.63
CA PRO B 218 3.39 -21.08 13.26
C PRO B 218 4.07 -19.98 14.07
N SER B 219 5.11 -20.34 14.82
CA SER B 219 5.76 -19.35 15.66
C SER B 219 6.17 -18.13 14.86
N HIS B 220 6.82 -18.34 13.71
CA HIS B 220 7.38 -17.23 12.93
C HIS B 220 6.38 -16.26 12.23
N GLU B 221 5.10 -16.40 12.51
CA GLU B 221 4.13 -15.46 11.97
C GLU B 221 3.55 -14.64 13.12
N LYS B 222 3.39 -13.34 12.89
CA LYS B 222 2.80 -12.41 13.85
C LYS B 222 1.70 -11.66 13.09
N LEU B 223 0.51 -11.55 13.67
CA LEU B 223 -0.58 -10.84 12.99
C LEU B 223 -0.34 -9.35 12.82
N LEU B 224 -0.71 -8.83 11.67
CA LEU B 224 -0.50 -7.42 11.39
C LEU B 224 -1.80 -6.65 11.13
N VAL B 225 -2.57 -7.15 10.17
CA VAL B 225 -3.76 -6.49 9.64
C VAL B 225 -4.85 -7.54 9.56
N LEU B 226 -6.04 -7.12 9.94
CA LEU B 226 -7.22 -7.94 9.82
C LEU B 226 -8.24 -7.12 9.08
N LEU B 227 -8.67 -7.66 7.95
CA LEU B 227 -9.61 -6.98 7.07
C LEU B 227 -10.85 -7.84 6.80
N PRO B 228 -12.01 -7.41 7.29
CA PRO B 228 -13.30 -8.04 6.99
C PRO B 228 -13.78 -7.58 5.63
N VAL B 229 -14.08 -8.49 4.71
CA VAL B 229 -14.33 -8.09 3.30
C VAL B 229 -15.75 -8.38 2.87
N GLY B 230 -16.37 -7.48 2.11
CA GLY B 230 -17.72 -7.73 1.68
C GLY B 230 -18.34 -6.62 0.88
N TYR B 231 -19.64 -6.73 0.65
CA TYR B 231 -20.40 -5.62 0.15
C TYR B 231 -20.80 -4.80 1.37
N PRO B 232 -20.94 -3.49 1.23
CA PRO B 232 -21.54 -2.72 2.31
C PRO B 232 -22.98 -3.16 2.56
N SER B 233 -23.49 -2.88 3.76
CA SER B 233 -24.89 -3.09 4.10
C SER B 233 -25.75 -2.16 3.28
N ARG B 234 -26.96 -2.61 2.96
CA ARG B 234 -27.91 -1.78 2.26
C ARG B 234 -28.10 -0.51 3.04
N ASP B 235 -27.85 -0.55 4.35
CA ASP B 235 -28.10 0.59 5.23
C ASP B 235 -26.80 1.25 5.70
N ALA B 236 -25.67 0.74 5.21
CA ALA B 236 -24.38 1.26 5.63
C ALA B 236 -24.32 2.79 5.70
N THR B 237 -23.52 3.30 6.65
CA THR B 237 -23.15 4.71 6.63
C THR B 237 -21.68 4.83 6.95
N VAL B 238 -21.04 5.93 6.51
CA VAL B 238 -19.71 6.37 7.00
C VAL B 238 -19.76 7.76 7.66
N PRO B 239 -18.74 8.08 8.49
CA PRO B 239 -18.57 9.41 9.12
C PRO B 239 -18.25 10.45 8.10
N ASP B 240 -18.72 11.68 8.27
CA ASP B 240 -18.55 12.73 7.27
C ASP B 240 -17.19 13.35 7.53
N LEU B 241 -16.17 12.74 6.95
CA LEU B 241 -14.77 13.14 7.18
C LEU B 241 -14.25 13.61 5.85
N LYS B 242 -13.40 14.60 5.92
CA LYS B 242 -12.83 15.21 4.75
C LYS B 242 -11.35 14.79 4.70
N ARG B 243 -10.83 14.59 3.50
CA ARG B 243 -9.41 14.28 3.35
C ARG B 243 -8.62 15.57 3.23
N LYS B 244 -7.41 15.59 3.78
CA LYS B 244 -6.46 16.67 3.53
C LYS B 244 -6.38 16.92 2.04
N ALA B 245 -6.32 18.18 1.64
CA ALA B 245 -6.00 18.49 0.25
C ALA B 245 -4.53 18.30 0.01
N LEU B 246 -4.20 18.30 -1.27
CA LEU B 246 -2.87 18.03 -1.72
C LEU B 246 -1.90 18.98 -1.07
N ASP B 247 -2.29 20.24 -0.95
CA ASP B 247 -1.31 21.23 -0.49
C ASP B 247 -0.99 20.99 0.97
N GLN B 248 -1.80 20.15 1.62
CA GLN B 248 -1.60 19.80 3.02
C GLN B 248 -0.75 18.52 3.26
N ILE B 249 -0.40 17.79 2.21
CA ILE B 249 0.37 16.58 2.38
C ILE B 249 1.57 16.59 1.46
N MET B 250 1.66 17.59 0.60
CA MET B 250 2.79 17.62 -0.33
C MET B 250 3.67 18.89 -0.26
N VAL B 251 4.96 18.69 -0.04
CA VAL B 251 5.87 19.82 0.07
C VAL B 251 6.96 19.69 -0.96
N THR B 252 7.20 20.78 -1.68
CA THR B 252 8.15 20.77 -2.78
C THR B 252 9.36 21.57 -2.44
N VAL B 253 10.52 20.97 -2.69
CA VAL B 253 11.80 21.61 -2.46
C VAL B 253 12.27 22.24 -3.77
N HIS B 254 12.50 23.54 -3.72
CA HIS B 254 12.97 24.28 -4.87
C HIS B 254 14.34 24.88 -4.52
N HIS B 255 14.93 25.63 -5.47
CA HIS B 255 16.07 26.54 -5.16
C HIS B 255 17.36 25.78 -4.81
#